data_3FXB
#
_entry.id   3FXB
#
_cell.length_a   63.000
_cell.length_b   61.300
_cell.length_c   86.300
_cell.angle_alpha   90.00
_cell.angle_beta   102.60
_cell.angle_gamma   90.00
#
_symmetry.space_group_name_H-M   'P 1 21 1'
#
loop_
_entity.id
_entity.type
_entity.pdbx_description
1 polymer 'TRAP dicarboxylate transporter, DctP subunit'
2 non-polymer '(4S)-2-METHYL-1,4,5,6-TETRAHYDROPYRIMIDINE-4-CARBOXYLIC ACID'
#
_entity_poly.entity_id   1
_entity_poly.type   'polypeptide(L)'
_entity_poly.pdbx_seq_one_letter_code
;ASWSHPQFEKIEGRDTWRYAFEEAMTDVQGVYAQKFKEEIEANSDHEIQLFPYGTLGESADIMEQTQDGILQFVDQSPGF
TGSLIPEAQVFFVPYLLPTDQDHLARFFKESKAINDMFKPLYADQGLELLNMFPEGEVAMTTKTPVTTCSDLDEVKFRVM
TNPLLVESYKAFGATPTPLPWGEVYGGLQTNVIQGQENPTFFLYSTKIYEVTDYITYAGHNNFTTAVMANKDFYDGLSAE
DQQLVQNAALAAYDHTVVYQQQAADTELAKIMEAKPEMQVTVLTDEQRSCFKEAAAEVEAKFIEMTGDSGAAILKQMKAD
LAATAN
;
_entity_poly.pdbx_strand_id   A,B
#
loop_
_chem_comp.id
_chem_comp.type
_chem_comp.name
_chem_comp.formula
4CS non-polymer '(4S)-2-METHYL-1,4,5,6-TETRAHYDROPYRIMIDINE-4-CARBOXYLIC ACID' 'C6 H10 N2 O2'
#
# COMPACT_ATOMS: atom_id res chain seq x y z
N ASP A 15 3.73 -24.04 20.13
CA ASP A 15 3.46 -22.60 19.89
C ASP A 15 2.92 -22.34 18.47
N THR A 16 2.54 -21.09 18.21
CA THR A 16 2.00 -20.71 16.90
C THR A 16 3.14 -20.45 15.89
N TRP A 17 3.37 -19.18 15.51
CA TRP A 17 4.37 -18.80 14.49
C TRP A 17 4.08 -19.45 13.13
N ARG A 18 3.23 -18.79 12.35
CA ARG A 18 2.82 -19.29 11.04
C ARG A 18 3.70 -18.68 9.94
N TYR A 19 3.95 -19.48 8.91
CA TYR A 19 4.93 -19.15 7.87
C TYR A 19 4.38 -19.54 6.49
N ALA A 20 4.21 -18.55 5.61
CA ALA A 20 3.68 -18.81 4.27
C ALA A 20 4.61 -18.35 3.16
N PHE A 21 4.69 -19.16 2.11
CA PHE A 21 5.55 -18.86 0.96
C PHE A 21 4.84 -19.12 -0.39
N GLU A 22 5.51 -18.76 -1.49
CA GLU A 22 4.90 -18.71 -2.83
C GLU A 22 5.04 -19.97 -3.68
N GLU A 23 5.74 -20.98 -3.16
CA GLU A 23 6.05 -22.17 -3.94
C GLU A 23 5.62 -23.45 -3.22
N ALA A 24 5.93 -24.60 -3.83
CA ALA A 24 5.67 -25.90 -3.21
C ALA A 24 6.71 -26.22 -2.15
N MET A 25 6.47 -27.28 -1.37
CA MET A 25 7.42 -27.72 -0.34
C MET A 25 8.75 -28.17 -0.92
N THR A 26 8.69 -28.76 -2.09
CA THR A 26 9.84 -29.35 -2.69
C THR A 26 10.63 -28.35 -3.51
N ASP A 27 10.08 -27.17 -3.71
CA ASP A 27 10.67 -26.09 -4.47
C ASP A 27 11.66 -25.37 -3.62
N VAL A 28 12.26 -24.32 -4.12
CA VAL A 28 13.34 -23.64 -3.45
C VAL A 28 12.91 -22.87 -2.22
N GLN A 29 11.80 -22.19 -2.29
CA GLN A 29 11.31 -21.46 -1.15
C GLN A 29 10.85 -22.40 -0.06
N GLY A 30 10.49 -23.63 -0.40
CA GLY A 30 10.19 -24.71 0.52
C GLY A 30 11.42 -25.27 1.21
N VAL A 31 12.51 -25.38 0.47
CA VAL A 31 13.79 -25.86 1.03
C VAL A 31 14.27 -24.87 2.10
N TYR A 32 14.06 -23.58 1.83
CA TYR A 32 14.38 -22.53 2.78
C TYR A 32 13.49 -22.63 4.02
N ALA A 33 12.18 -22.72 3.78
CA ALA A 33 11.20 -22.80 4.86
C ALA A 33 11.51 -23.96 5.80
N GLN A 34 11.79 -25.13 5.23
CA GLN A 34 12.03 -26.35 6.01
C GLN A 34 13.32 -26.31 6.83
N LYS A 35 14.32 -25.59 6.35
CA LYS A 35 15.56 -25.42 7.13
C LYS A 35 15.34 -24.39 8.23
N PHE A 36 14.56 -23.36 7.91
CA PHE A 36 14.16 -22.36 8.90
C PHE A 36 13.38 -23.03 10.01
N LYS A 37 12.46 -23.94 9.64
CA LYS A 37 11.65 -24.68 10.61
C LYS A 37 12.51 -25.59 11.50
N GLU A 38 13.46 -26.29 10.89
CA GLU A 38 14.39 -27.17 11.60
C GLU A 38 15.17 -26.40 12.66
N GLU A 39 15.73 -25.27 12.25
CA GLU A 39 16.63 -24.50 13.09
C GLU A 39 15.91 -23.84 14.27
N ILE A 40 14.71 -23.31 14.02
CA ILE A 40 13.86 -22.78 15.10
C ILE A 40 13.53 -23.87 16.12
N GLU A 41 13.06 -25.02 15.64
CA GLU A 41 12.59 -26.09 16.50
C GLU A 41 13.68 -26.87 17.23
N ALA A 42 14.91 -26.81 16.71
CA ALA A 42 16.03 -27.53 17.32
C ALA A 42 16.66 -26.74 18.48
N ASN A 43 16.35 -25.45 18.55
CA ASN A 43 16.98 -24.55 19.52
C ASN A 43 16.00 -23.79 20.42
N SER A 44 14.76 -24.25 20.47
CA SER A 44 13.74 -23.64 21.35
C SER A 44 12.51 -24.54 21.54
N ASP A 45 11.54 -24.02 22.28
CA ASP A 45 10.25 -24.66 22.47
C ASP A 45 9.23 -24.18 21.45
N HIS A 46 9.62 -23.17 20.65
CA HIS A 46 8.77 -22.63 19.60
C HIS A 46 8.61 -23.62 18.45
N GLU A 47 7.54 -23.49 17.70
CA GLU A 47 7.23 -24.42 16.61
C GLU A 47 6.75 -23.66 15.39
N ILE A 48 7.32 -23.98 14.22
CA ILE A 48 6.90 -23.30 12.99
C ILE A 48 5.88 -24.13 12.21
N GLN A 49 4.83 -23.44 11.76
CA GLN A 49 3.79 -24.06 10.95
C GLN A 49 3.90 -23.54 9.51
N LEU A 50 4.09 -24.48 8.57
CA LEU A 50 4.37 -24.14 7.17
C LEU A 50 3.11 -24.06 6.30
N PHE A 51 3.11 -23.13 5.33
CA PHE A 51 1.96 -22.95 4.44
C PHE A 51 2.37 -22.69 3.00
N PRO A 52 2.56 -23.76 2.21
CA PRO A 52 3.00 -23.64 0.81
C PRO A 52 1.94 -23.01 -0.09
N TYR A 53 2.32 -22.73 -1.34
CA TYR A 53 1.37 -22.28 -2.34
C TYR A 53 0.34 -23.38 -2.54
N GLY A 54 -0.92 -22.97 -2.67
CA GLY A 54 -2.03 -23.91 -2.80
C GLY A 54 -2.96 -23.85 -1.60
N THR A 55 -2.43 -23.37 -0.48
CA THR A 55 -3.21 -23.05 0.71
C THR A 55 -3.14 -21.53 0.87
N LEU A 56 -4.20 -20.93 1.40
CA LEU A 56 -4.21 -19.47 1.68
C LEU A 56 -4.25 -18.53 0.47
N GLY A 57 -3.82 -19.00 -0.70
CA GLY A 57 -3.94 -18.22 -1.94
C GLY A 57 -2.66 -17.59 -2.46
N GLU A 58 -2.83 -16.58 -3.33
CA GLU A 58 -1.71 -15.96 -4.06
C GLU A 58 -0.80 -15.12 -3.16
N SER A 59 0.33 -14.69 -3.74
CA SER A 59 1.34 -13.91 -3.02
C SER A 59 0.79 -12.61 -2.41
N ALA A 60 -0.07 -11.93 -3.16
CA ALA A 60 -0.74 -10.72 -2.69
C ALA A 60 -1.60 -10.99 -1.46
N ASP A 61 -2.21 -12.18 -1.42
CA ASP A 61 -3.10 -12.56 -0.32
C ASP A 61 -2.34 -12.78 0.98
N ILE A 62 -1.25 -13.53 0.92
CA ILE A 62 -0.49 -13.87 2.12
C ILE A 62 0.25 -12.66 2.73
N MET A 63 0.68 -11.74 1.88
CA MET A 63 1.26 -10.47 2.35
C MET A 63 0.26 -9.64 3.15
N GLU A 64 -0.98 -9.56 2.65
CA GLU A 64 -2.06 -8.92 3.40
C GLU A 64 -2.31 -9.63 4.73
N GLN A 65 -2.22 -10.96 4.69
CA GLN A 65 -2.44 -11.79 5.88
C GLN A 65 -1.33 -11.63 6.92
N THR A 66 -0.12 -11.34 6.43
CA THR A 66 1.03 -11.08 7.30
C THR A 66 0.94 -9.68 7.92
N GLN A 67 0.44 -8.72 7.14
CA GLN A 67 0.27 -7.35 7.63
C GLN A 67 -0.92 -7.20 8.56
N ASP A 68 -1.96 -8.02 8.36
CA ASP A 68 -3.11 -8.05 9.27
C ASP A 68 -2.79 -8.75 10.57
N GLY A 69 -1.75 -9.58 10.57
CA GLY A 69 -1.27 -10.22 11.78
C GLY A 69 -1.72 -11.66 11.98
N ILE A 70 -2.33 -12.24 10.95
CA ILE A 70 -2.70 -13.65 10.96
C ILE A 70 -1.44 -14.51 10.83
N LEU A 71 -0.57 -14.14 9.89
CA LEU A 71 0.70 -14.82 9.67
C LEU A 71 1.87 -14.06 10.30
N GLN A 72 2.92 -14.79 10.69
CA GLN A 72 4.07 -14.23 11.39
C GLN A 72 5.28 -14.07 10.48
N PHE A 73 5.47 -15.05 9.60
CA PHE A 73 6.58 -15.02 8.65
C PHE A 73 6.03 -15.21 7.24
N VAL A 74 6.52 -14.40 6.30
CA VAL A 74 6.10 -14.54 4.91
C VAL A 74 7.27 -14.39 3.92
N ASP A 75 7.18 -15.12 2.83
CA ASP A 75 8.11 -15.01 1.72
C ASP A 75 7.40 -14.30 0.57
N GLN A 76 7.83 -13.09 0.24
CA GLN A 76 7.29 -12.40 -0.93
C GLN A 76 8.41 -11.87 -1.82
N SER A 77 8.37 -12.26 -3.09
CA SER A 77 9.39 -11.86 -4.06
C SER A 77 9.23 -10.38 -4.44
N PRO A 78 10.36 -9.66 -4.61
CA PRO A 78 10.35 -8.26 -5.05
C PRO A 78 9.49 -8.03 -6.28
N GLY A 79 9.25 -9.09 -7.05
CA GLY A 79 8.40 -9.05 -8.23
C GLY A 79 6.96 -8.61 -7.96
N PHE A 80 6.53 -8.80 -6.71
CA PHE A 80 5.20 -8.39 -6.27
C PHE A 80 5.23 -7.16 -5.36
N THR A 81 6.36 -6.95 -4.69
CA THR A 81 6.50 -5.85 -3.73
C THR A 81 6.85 -4.51 -4.39
N GLY A 82 7.17 -4.55 -5.69
CA GLY A 82 7.54 -3.36 -6.45
C GLY A 82 6.48 -2.26 -6.45
N SER A 83 5.22 -2.67 -6.29
CA SER A 83 4.11 -1.73 -6.21
C SER A 83 4.08 -1.02 -4.86
N LEU A 84 4.38 -1.78 -3.81
CA LEU A 84 4.37 -1.27 -2.45
C LEU A 84 5.63 -0.44 -2.19
N ILE A 85 6.79 -1.09 -2.18
CA ILE A 85 8.08 -0.41 -2.06
C ILE A 85 8.62 -0.21 -3.47
N PRO A 86 8.58 1.05 -3.98
CA PRO A 86 8.96 1.35 -5.35
C PRO A 86 10.39 0.98 -5.69
N GLU A 87 11.30 1.17 -4.73
CA GLU A 87 12.72 0.88 -4.98
C GLU A 87 13.10 -0.60 -4.79
N ALA A 88 12.11 -1.49 -4.87
CA ALA A 88 12.37 -2.93 -4.94
C ALA A 88 12.38 -3.35 -6.42
N GLN A 89 12.16 -2.37 -7.29
CA GLN A 89 12.20 -2.56 -8.74
C GLN A 89 13.62 -2.74 -9.29
N VAL A 90 14.62 -2.50 -8.43
CA VAL A 90 16.05 -2.59 -8.80
C VAL A 90 16.42 -3.97 -9.34
N PHE A 91 15.75 -5.00 -8.81
CA PHE A 91 16.06 -6.38 -9.16
C PHE A 91 15.60 -6.78 -10.57
N PHE A 92 15.03 -5.83 -11.29
CA PHE A 92 14.55 -6.07 -12.65
C PHE A 92 15.18 -5.12 -13.67
N VAL A 93 16.33 -4.55 -13.30
CA VAL A 93 17.20 -3.90 -14.27
C VAL A 93 18.03 -5.00 -14.91
N PRO A 94 17.77 -5.29 -16.20
CA PRO A 94 18.40 -6.41 -16.88
C PRO A 94 19.92 -6.37 -16.80
N TYR A 95 20.53 -7.53 -16.58
CA TYR A 95 21.99 -7.72 -16.59
C TYR A 95 22.74 -7.00 -15.45
N LEU A 96 21.98 -6.46 -14.49
CA LEU A 96 22.56 -5.86 -13.29
C LEU A 96 23.18 -6.94 -12.41
N LEU A 97 22.39 -7.97 -12.14
CA LEU A 97 22.84 -9.12 -11.35
C LEU A 97 23.70 -10.06 -12.18
N PRO A 98 24.86 -10.48 -11.65
CA PRO A 98 25.76 -11.41 -12.32
C PRO A 98 25.14 -12.78 -12.49
N THR A 99 25.71 -13.58 -13.38
CA THR A 99 25.20 -14.92 -13.63
C THR A 99 25.99 -16.00 -12.85
N ASP A 100 27.23 -15.66 -12.51
CA ASP A 100 28.11 -16.49 -11.69
C ASP A 100 27.45 -16.75 -10.34
N GLN A 101 26.97 -17.97 -10.14
CA GLN A 101 26.15 -18.32 -8.98
C GLN A 101 26.92 -18.30 -7.65
N ASP A 102 28.22 -18.53 -7.69
CA ASP A 102 29.09 -18.42 -6.51
C ASP A 102 29.24 -16.97 -6.06
N HIS A 103 29.46 -16.08 -7.04
CA HIS A 103 29.63 -14.64 -6.81
C HIS A 103 28.30 -13.99 -6.39
N LEU A 104 27.20 -14.53 -6.91
CA LEU A 104 25.88 -14.05 -6.59
C LEU A 104 25.48 -14.35 -5.14
N ALA A 105 25.89 -15.52 -4.65
CA ALA A 105 25.56 -15.95 -3.28
C ALA A 105 26.26 -15.10 -2.23
N ARG A 106 27.49 -14.68 -2.53
CA ARG A 106 28.28 -13.83 -1.65
C ARG A 106 27.70 -12.42 -1.58
N PHE A 107 27.07 -12.00 -2.67
CA PHE A 107 26.43 -10.68 -2.75
C PHE A 107 25.32 -10.53 -1.72
N PHE A 108 24.23 -11.29 -1.89
CA PHE A 108 23.04 -11.21 -1.03
C PHE A 108 23.35 -11.39 0.45
N LYS A 109 24.44 -12.08 0.75
CA LYS A 109 24.84 -12.35 2.12
C LYS A 109 25.55 -11.14 2.72
N GLU A 110 26.45 -10.55 1.95
CA GLU A 110 27.29 -9.46 2.45
C GLU A 110 26.94 -8.08 1.89
N SER A 111 25.74 -7.92 1.33
CA SER A 111 25.37 -6.65 0.72
C SER A 111 24.91 -5.61 1.75
N LYS A 112 25.58 -4.47 1.75
CA LYS A 112 25.22 -3.32 2.56
C LYS A 112 23.87 -2.73 2.10
N ALA A 113 23.57 -2.90 0.81
CA ALA A 113 22.30 -2.42 0.24
C ALA A 113 21.10 -3.27 0.69
N ILE A 114 21.23 -4.58 0.58
CA ILE A 114 20.17 -5.53 0.94
C ILE A 114 19.93 -5.58 2.45
N ASN A 115 21.02 -5.66 3.21
CA ASN A 115 20.92 -5.95 4.64
C ASN A 115 20.99 -4.72 5.54
N ASP A 116 21.07 -3.54 4.93
CA ASP A 116 21.09 -2.30 5.70
C ASP A 116 20.12 -1.26 5.14
N MET A 117 20.19 -1.01 3.83
CA MET A 117 19.42 0.07 3.22
C MET A 117 17.97 -0.32 2.94
N PHE A 118 17.73 -1.60 2.73
CA PHE A 118 16.38 -2.10 2.47
C PHE A 118 15.54 -2.28 3.73
N LYS A 119 16.21 -2.59 4.85
CA LYS A 119 15.51 -2.90 6.11
C LYS A 119 14.58 -1.81 6.64
N PRO A 120 15.03 -0.53 6.66
CA PRO A 120 14.12 0.52 7.11
C PRO A 120 12.97 0.81 6.14
N LEU A 121 13.16 0.47 4.87
CA LEU A 121 12.13 0.65 3.84
C LEU A 121 10.99 -0.35 3.95
N TYR A 122 11.34 -1.61 4.27
CA TYR A 122 10.36 -2.65 4.56
C TYR A 122 9.65 -2.36 5.87
N ALA A 123 10.41 -1.83 6.84
CA ALA A 123 9.87 -1.42 8.14
C ALA A 123 8.76 -0.37 8.01
N ASP A 124 8.88 0.50 7.02
CA ASP A 124 7.86 1.52 6.73
C ASP A 124 6.51 0.91 6.38
N GLN A 125 6.52 -0.37 6.01
CA GLN A 125 5.28 -1.10 5.73
C GLN A 125 4.96 -2.17 6.78
N GLY A 126 5.63 -2.07 7.93
CA GLY A 126 5.38 -2.95 9.07
C GLY A 126 5.91 -4.35 8.90
N LEU A 127 7.10 -4.47 8.32
CA LEU A 127 7.73 -5.75 8.08
C LEU A 127 9.21 -5.76 8.47
N GLU A 128 9.63 -6.81 9.15
CA GLU A 128 11.03 -6.97 9.55
C GLU A 128 11.74 -7.90 8.56
N LEU A 129 12.53 -7.30 7.68
CA LEU A 129 13.23 -8.05 6.64
C LEU A 129 14.36 -8.90 7.21
N LEU A 130 14.33 -10.19 6.89
CA LEU A 130 15.36 -11.12 7.36
C LEU A 130 16.48 -11.34 6.31
N ASN A 131 16.09 -11.81 5.14
CA ASN A 131 17.01 -12.23 4.09
C ASN A 131 16.45 -11.92 2.72
N MET A 132 17.34 -11.76 1.75
CA MET A 132 16.97 -11.96 0.35
C MET A 132 17.91 -13.03 -0.19
N PHE A 133 17.39 -13.89 -1.05
CA PHE A 133 18.22 -14.92 -1.66
C PHE A 133 17.89 -15.18 -3.12
N PRO A 134 18.87 -15.67 -3.90
CA PRO A 134 18.64 -15.97 -5.31
C PRO A 134 18.01 -17.36 -5.49
N GLU A 135 17.42 -17.58 -6.66
CA GLU A 135 16.75 -18.82 -6.97
C GLU A 135 17.22 -19.41 -8.29
N GLY A 136 18.05 -18.66 -9.01
CA GLY A 136 18.63 -19.13 -10.27
C GLY A 136 18.35 -18.24 -11.46
N GLU A 137 19.20 -18.38 -12.48
CA GLU A 137 19.06 -17.68 -13.76
C GLU A 137 17.67 -17.97 -14.38
N VAL A 138 17.05 -16.92 -14.94
CA VAL A 138 15.69 -17.04 -15.47
C VAL A 138 15.68 -17.35 -16.98
N ALA A 139 14.60 -17.97 -17.46
CA ALA A 139 14.48 -18.37 -18.86
C ALA A 139 13.10 -18.08 -19.42
N MET A 140 13.06 -17.55 -20.65
CA MET A 140 11.80 -17.27 -21.33
C MET A 140 11.21 -18.56 -21.89
N THR A 141 9.92 -18.79 -21.66
CA THR A 141 9.19 -19.85 -22.34
C THR A 141 8.10 -19.24 -23.21
N THR A 142 8.20 -19.48 -24.52
CA THR A 142 7.23 -18.98 -25.50
C THR A 142 6.79 -20.12 -26.40
N LYS A 143 5.79 -19.86 -27.25
CA LYS A 143 5.38 -20.82 -28.30
C LYS A 143 5.90 -20.46 -29.69
N THR A 144 6.56 -19.32 -29.80
CA THR A 144 7.25 -18.94 -31.02
C THR A 144 8.73 -18.76 -30.72
N PRO A 145 9.61 -19.07 -31.69
CA PRO A 145 11.05 -18.96 -31.48
C PRO A 145 11.51 -17.55 -31.07
N VAL A 146 12.42 -17.49 -30.10
CA VAL A 146 13.02 -16.23 -29.69
C VAL A 146 14.54 -16.28 -29.94
N THR A 147 14.96 -15.57 -30.98
CA THR A 147 16.37 -15.50 -31.37
C THR A 147 16.89 -14.09 -31.16
N THR A 148 16.07 -13.10 -31.51
CA THR A 148 16.37 -11.70 -31.21
C THR A 148 15.16 -11.01 -30.57
N CYS A 149 15.31 -9.72 -30.29
CA CYS A 149 14.28 -8.94 -29.60
C CYS A 149 13.03 -8.74 -30.46
N SER A 150 13.21 -8.67 -31.77
CA SER A 150 12.09 -8.48 -32.70
C SER A 150 11.24 -9.76 -32.89
N ASP A 151 11.71 -10.87 -32.35
CA ASP A 151 10.94 -12.13 -32.34
C ASP A 151 9.88 -12.13 -31.24
N LEU A 152 10.00 -11.19 -30.30
CA LEU A 152 9.03 -11.01 -29.22
C LEU A 152 7.90 -10.09 -29.63
N ASP A 153 8.06 -9.42 -30.77
CA ASP A 153 7.06 -8.50 -31.29
C ASP A 153 5.65 -9.10 -31.24
N GLU A 154 4.79 -8.46 -30.46
CA GLU A 154 3.39 -8.86 -30.30
C GLU A 154 3.21 -10.28 -29.76
N VAL A 155 4.00 -10.62 -28.77
CA VAL A 155 3.82 -11.82 -27.98
C VAL A 155 3.28 -11.38 -26.63
N LYS A 156 2.10 -11.87 -26.26
CA LYS A 156 1.50 -11.56 -24.96
C LYS A 156 2.26 -12.31 -23.87
N PHE A 157 3.12 -11.57 -23.17
CA PHE A 157 4.09 -12.15 -22.23
C PHE A 157 3.71 -11.88 -20.78
N ARG A 158 3.35 -12.94 -20.06
CA ARG A 158 3.00 -12.83 -18.64
C ARG A 158 4.22 -12.41 -17.84
N VAL A 159 3.97 -11.66 -16.79
CA VAL A 159 5.03 -11.04 -16.02
C VAL A 159 4.51 -10.83 -14.57
N MET A 160 5.41 -10.81 -13.60
CA MET A 160 5.02 -10.50 -12.21
C MET A 160 4.55 -9.04 -12.11
N THR A 161 3.78 -8.72 -11.06
CA THR A 161 3.07 -7.43 -11.01
C THR A 161 3.88 -6.26 -10.43
N ASN A 162 4.87 -5.79 -11.18
CA ASN A 162 5.58 -4.56 -10.82
C ASN A 162 6.01 -3.75 -12.04
N PRO A 163 5.93 -2.41 -11.96
CA PRO A 163 6.08 -1.48 -13.10
C PRO A 163 7.32 -1.68 -13.96
N LEU A 164 8.50 -1.82 -13.35
CA LEU A 164 9.75 -1.90 -14.11
C LEU A 164 9.90 -3.18 -14.92
N LEU A 165 9.46 -4.29 -14.35
CA LEU A 165 9.44 -5.58 -15.06
C LEU A 165 8.54 -5.49 -16.28
N VAL A 166 7.43 -4.75 -16.14
CA VAL A 166 6.53 -4.46 -17.26
C VAL A 166 7.25 -3.62 -18.32
N GLU A 167 8.05 -2.66 -17.88
CA GLU A 167 8.83 -1.81 -18.78
C GLU A 167 9.94 -2.57 -19.52
N SER A 168 10.46 -3.62 -18.87
CA SER A 168 11.51 -4.46 -19.44
C SER A 168 11.10 -5.17 -20.72
N TYR A 169 9.91 -5.79 -20.68
CA TYR A 169 9.43 -6.53 -21.83
C TYR A 169 8.83 -5.64 -22.92
N LYS A 170 8.50 -4.39 -22.56
CA LYS A 170 8.17 -3.36 -23.54
C LYS A 170 9.43 -2.97 -24.31
N ALA A 171 10.52 -2.82 -23.56
CA ALA A 171 11.84 -2.50 -24.13
C ALA A 171 12.41 -3.68 -24.93
N PHE A 172 11.91 -4.88 -24.65
CA PHE A 172 12.31 -6.08 -25.39
C PHE A 172 11.55 -6.23 -26.70
N GLY A 173 10.39 -5.59 -26.78
CA GLY A 173 9.55 -5.63 -27.99
C GLY A 173 8.25 -6.39 -27.81
N ALA A 174 8.07 -7.00 -26.64
CA ALA A 174 6.87 -7.78 -26.35
C ALA A 174 5.74 -6.90 -25.82
N THR A 175 4.57 -7.50 -25.64
CA THR A 175 3.41 -6.83 -25.05
C THR A 175 3.15 -7.43 -23.67
N PRO A 176 3.69 -6.79 -22.61
CA PRO A 176 3.70 -7.36 -21.25
C PRO A 176 2.33 -7.41 -20.61
N THR A 177 2.07 -8.49 -19.87
CA THR A 177 0.82 -8.67 -19.15
C THR A 177 1.11 -9.04 -17.69
N PRO A 178 0.76 -8.14 -16.75
CA PRO A 178 0.88 -8.45 -15.34
C PRO A 178 -0.22 -9.38 -14.88
N LEU A 179 0.16 -10.56 -14.41
CA LEU A 179 -0.79 -11.56 -13.94
C LEU A 179 -0.24 -12.33 -12.73
N PRO A 180 -1.11 -12.62 -11.74
CA PRO A 180 -0.73 -13.48 -10.62
C PRO A 180 -0.56 -14.93 -11.11
N TRP A 181 0.34 -15.67 -10.46
CA TRP A 181 0.72 -17.01 -10.92
C TRP A 181 -0.43 -17.99 -11.22
N GLY A 182 -1.46 -17.99 -10.37
CA GLY A 182 -2.59 -18.93 -10.48
C GLY A 182 -3.24 -19.01 -11.85
N GLU A 183 -3.04 -17.99 -12.67
CA GLU A 183 -3.66 -17.90 -13.99
C GLU A 183 -2.71 -18.19 -15.15
N VAL A 184 -1.44 -18.43 -14.82
CA VAL A 184 -0.40 -18.53 -15.85
C VAL A 184 -0.50 -19.80 -16.69
N TYR A 185 -0.63 -20.96 -16.03
CA TYR A 185 -0.74 -22.22 -16.75
C TYR A 185 -1.97 -22.20 -17.67
N GLY A 186 -3.13 -21.90 -17.09
CA GLY A 186 -4.41 -21.88 -17.81
C GLY A 186 -4.44 -20.92 -18.99
N GLY A 187 -3.86 -19.75 -18.79
CA GLY A 187 -3.78 -18.72 -19.83
C GLY A 187 -2.96 -19.17 -21.02
N LEU A 188 -1.83 -19.82 -20.73
CA LEU A 188 -0.96 -20.38 -21.78
C LEU A 188 -1.66 -21.51 -22.51
N GLN A 189 -2.32 -22.39 -21.76
CA GLN A 189 -3.04 -23.52 -22.31
C GLN A 189 -4.14 -23.10 -23.28
N THR A 190 -4.88 -22.05 -22.90
CA THR A 190 -5.96 -21.53 -23.73
C THR A 190 -5.50 -20.43 -24.69
N ASN A 191 -4.19 -20.20 -24.71
CA ASN A 191 -3.53 -19.24 -25.62
C ASN A 191 -3.97 -17.77 -25.47
N VAL A 192 -4.36 -17.38 -24.26
CA VAL A 192 -4.65 -15.97 -23.96
C VAL A 192 -3.32 -15.24 -23.71
N ILE A 193 -2.30 -16.01 -23.35
CA ILE A 193 -0.91 -15.52 -23.29
C ILE A 193 0.02 -16.48 -24.06
N GLN A 194 1.12 -15.95 -24.58
CA GLN A 194 2.05 -16.75 -25.39
C GLN A 194 3.45 -16.85 -24.80
N GLY A 195 3.69 -16.18 -23.66
CA GLY A 195 5.02 -16.11 -23.08
C GLY A 195 5.05 -15.94 -21.58
N GLN A 196 6.13 -16.41 -20.96
CA GLN A 196 6.28 -16.46 -19.51
C GLN A 196 7.77 -16.58 -19.18
N GLU A 197 8.17 -16.15 -17.97
CA GLU A 197 9.57 -16.20 -17.53
C GLU A 197 9.73 -16.66 -16.08
N ASN A 198 10.63 -17.61 -15.87
CA ASN A 198 10.96 -18.14 -14.53
C ASN A 198 12.27 -18.95 -14.56
N PRO A 199 12.87 -19.19 -13.38
CA PRO A 199 14.01 -20.11 -13.32
C PRO A 199 13.67 -21.56 -13.73
N THR A 200 14.71 -22.34 -14.00
CA THR A 200 14.59 -23.69 -14.56
C THR A 200 13.98 -24.71 -13.60
N PHE A 201 14.28 -24.61 -12.32
CA PHE A 201 13.72 -25.54 -11.34
C PHE A 201 12.19 -25.42 -11.32
N PHE A 202 11.70 -24.18 -11.40
CA PHE A 202 10.29 -23.87 -11.17
C PHE A 202 9.49 -24.16 -12.40
N LEU A 203 10.10 -23.94 -13.55
CA LEU A 203 9.37 -24.14 -14.79
C LEU A 203 9.34 -25.62 -15.17
N TYR A 204 10.12 -26.43 -14.46
CA TYR A 204 9.99 -27.89 -14.53
C TYR A 204 8.99 -28.37 -13.51
N SER A 205 9.12 -27.84 -12.29
CA SER A 205 8.23 -28.14 -11.17
C SER A 205 6.75 -27.89 -11.47
N THR A 206 6.44 -26.81 -12.18
CA THR A 206 5.06 -26.45 -12.51
C THR A 206 4.60 -27.06 -13.83
N LYS A 207 5.44 -27.89 -14.43
CA LYS A 207 5.16 -28.57 -15.71
C LYS A 207 4.75 -27.60 -16.84
N ILE A 208 5.27 -26.37 -16.79
CA ILE A 208 4.91 -25.32 -17.75
C ILE A 208 5.40 -25.64 -19.17
N TYR A 209 6.28 -26.64 -19.26
CA TYR A 209 6.79 -27.10 -20.54
C TYR A 209 5.72 -27.85 -21.35
N GLU A 210 4.64 -28.24 -20.67
CA GLU A 210 3.49 -28.91 -21.30
C GLU A 210 2.69 -27.96 -22.18
N VAL A 211 2.78 -26.66 -21.90
CA VAL A 211 1.98 -25.65 -22.60
C VAL A 211 2.82 -24.57 -23.29
N THR A 212 4.11 -24.83 -23.47
CA THR A 212 5.00 -23.96 -24.24
C THR A 212 5.87 -24.80 -25.15
N ASP A 213 6.52 -24.17 -26.11
CA ASP A 213 7.31 -24.90 -27.10
C ASP A 213 8.79 -24.57 -27.09
N TYR A 214 9.13 -23.35 -26.69
CA TYR A 214 10.50 -22.89 -26.73
C TYR A 214 10.98 -22.36 -25.38
N ILE A 215 12.18 -22.78 -24.98
CA ILE A 215 12.85 -22.24 -23.80
C ILE A 215 14.05 -21.43 -24.28
N THR A 216 14.20 -20.22 -23.76
CA THR A 216 15.30 -19.34 -24.16
C THR A 216 16.06 -18.78 -22.97
N TYR A 217 17.38 -18.99 -22.96
CA TYR A 217 18.25 -18.42 -21.93
C TYR A 217 18.93 -17.16 -22.45
N ALA A 218 18.40 -16.01 -22.08
CA ALA A 218 18.98 -14.73 -22.47
C ALA A 218 19.96 -14.22 -21.43
N GLY A 219 19.89 -14.79 -20.22
CA GLY A 219 20.76 -14.41 -19.10
C GLY A 219 20.52 -13.00 -18.56
N HIS A 220 19.32 -12.46 -18.81
CA HIS A 220 19.00 -11.09 -18.46
C HIS A 220 18.75 -10.89 -16.95
N ASN A 221 18.37 -11.96 -16.26
CA ASN A 221 18.02 -11.85 -14.84
C ASN A 221 18.17 -13.14 -14.03
N ASN A 222 18.42 -12.95 -12.73
CA ASN A 222 18.36 -14.01 -11.74
C ASN A 222 17.15 -13.77 -10.82
N PHE A 223 16.40 -14.82 -10.52
CA PHE A 223 15.20 -14.68 -9.70
C PHE A 223 15.53 -14.43 -8.23
N THR A 224 15.13 -13.27 -7.73
CA THR A 224 15.37 -12.94 -6.32
C THR A 224 14.06 -12.99 -5.53
N THR A 225 14.19 -13.28 -4.24
CA THR A 225 13.04 -13.36 -3.33
C THR A 225 13.43 -12.92 -1.92
N ALA A 226 12.43 -12.63 -1.08
CA ALA A 226 12.69 -12.06 0.23
C ALA A 226 11.88 -12.75 1.30
N VAL A 227 12.47 -12.89 2.48
CA VAL A 227 11.77 -13.46 3.64
C VAL A 227 11.69 -12.41 4.76
N MET A 228 10.48 -12.23 5.29
CA MET A 228 10.23 -11.20 6.30
C MET A 228 9.29 -11.69 7.40
N ALA A 229 9.24 -10.93 8.49
CA ALA A 229 8.32 -11.20 9.59
C ALA A 229 7.49 -9.95 9.87
N ASN A 230 6.27 -10.15 10.37
CA ASN A 230 5.45 -9.06 10.89
C ASN A 230 6.26 -8.29 11.93
N LYS A 231 6.43 -6.99 11.69
CA LYS A 231 7.35 -6.17 12.48
C LYS A 231 6.89 -6.04 13.93
N ASP A 232 5.58 -5.85 14.12
CA ASP A 232 4.98 -5.80 15.44
C ASP A 232 5.26 -7.10 16.19
N PHE A 233 5.01 -8.22 15.53
CA PHE A 233 5.31 -9.52 16.11
C PHE A 233 6.79 -9.62 16.50
N TYR A 234 7.68 -9.31 15.55
CA TYR A 234 9.12 -9.42 15.75
C TYR A 234 9.62 -8.54 16.90
N ASP A 235 9.14 -7.29 16.96
CA ASP A 235 9.50 -6.36 18.02
C ASP A 235 8.96 -6.79 19.38
N GLY A 236 7.96 -7.66 19.37
CA GLY A 236 7.37 -8.20 20.59
C GLY A 236 8.21 -9.30 21.22
N LEU A 237 9.13 -9.85 20.45
CA LEU A 237 9.96 -10.97 20.91
C LEU A 237 11.09 -10.52 21.82
N SER A 238 11.55 -11.43 22.68
CA SER A 238 12.69 -11.20 23.55
C SER A 238 13.98 -11.16 22.73
N ALA A 239 15.03 -10.57 23.31
CA ALA A 239 16.33 -10.47 22.64
C ALA A 239 16.88 -11.84 22.23
N GLU A 240 16.56 -12.87 23.01
CA GLU A 240 16.97 -14.25 22.71
C GLU A 240 16.17 -14.82 21.55
N ASP A 241 14.86 -14.57 21.56
CA ASP A 241 13.96 -15.03 20.48
C ASP A 241 14.29 -14.36 19.16
N GLN A 242 14.56 -13.05 19.20
CA GLN A 242 14.92 -12.29 17.99
C GLN A 242 16.19 -12.83 17.38
N GLN A 243 17.19 -13.10 18.23
CA GLN A 243 18.46 -13.70 17.84
C GLN A 243 18.23 -15.09 17.25
N LEU A 244 17.37 -15.88 17.89
CA LEU A 244 17.00 -17.21 17.42
C LEU A 244 16.50 -17.17 15.98
N VAL A 245 15.66 -16.17 15.68
CA VAL A 245 15.14 -15.96 14.33
C VAL A 245 16.28 -15.60 13.36
N GLN A 246 17.11 -14.63 13.74
CA GLN A 246 18.25 -14.22 12.91
C GLN A 246 19.20 -15.39 12.62
N ASN A 247 19.46 -16.23 13.63
CA ASN A 247 20.28 -17.43 13.47
C ASN A 247 19.67 -18.41 12.49
N ALA A 248 18.35 -18.63 12.62
CA ALA A 248 17.63 -19.56 11.75
C ALA A 248 17.56 -19.08 10.31
N ALA A 249 17.45 -17.76 10.12
CA ALA A 249 17.42 -17.16 8.79
C ALA A 249 18.75 -17.30 8.07
N LEU A 250 19.85 -17.05 8.79
CA LEU A 250 21.19 -17.19 8.23
C LEU A 250 21.53 -18.66 7.90
N ALA A 251 21.07 -19.58 8.76
CA ALA A 251 21.30 -21.01 8.55
C ALA A 251 20.51 -21.53 7.36
N ALA A 252 19.29 -21.01 7.19
CA ALA A 252 18.45 -21.35 6.05
C ALA A 252 19.02 -20.80 4.75
N TYR A 253 19.59 -19.59 4.80
CA TYR A 253 20.20 -18.98 3.63
C TYR A 253 21.35 -19.85 3.08
N ASP A 254 22.29 -20.20 3.96
CA ASP A 254 23.45 -21.00 3.57
C ASP A 254 23.05 -22.34 2.98
N HIS A 255 22.02 -22.96 3.56
CA HIS A 255 21.51 -24.25 3.08
C HIS A 255 20.82 -24.13 1.73
N THR A 256 20.07 -23.05 1.54
CA THR A 256 19.30 -22.84 0.32
C THR A 256 20.19 -22.52 -0.89
N VAL A 257 21.21 -21.68 -0.71
CA VAL A 257 22.09 -21.32 -1.83
C VAL A 257 22.81 -22.53 -2.44
N VAL A 258 23.25 -23.46 -1.58
CA VAL A 258 23.87 -24.71 -2.04
C VAL A 258 22.88 -25.50 -2.89
N TYR A 259 21.68 -25.72 -2.35
CA TYR A 259 20.65 -26.49 -3.03
C TYR A 259 20.23 -25.90 -4.39
N GLN A 260 19.97 -24.59 -4.41
CA GLN A 260 19.46 -23.95 -5.62
C GLN A 260 20.49 -23.90 -6.76
N GLN A 261 21.78 -23.99 -6.42
CA GLN A 261 22.85 -24.13 -7.41
C GLN A 261 22.79 -25.47 -8.12
N GLN A 262 22.67 -26.55 -7.35
CA GLN A 262 22.46 -27.90 -7.89
C GLN A 262 21.25 -28.00 -8.82
N ALA A 263 20.17 -27.32 -8.44
CA ALA A 263 18.93 -27.34 -9.22
C ALA A 263 19.12 -26.79 -10.64
N ALA A 264 19.56 -25.54 -10.76
CA ALA A 264 19.84 -24.92 -12.06
C ALA A 264 20.75 -25.78 -12.94
N ASP A 265 21.70 -26.47 -12.30
CA ASP A 265 22.69 -27.29 -12.99
C ASP A 265 22.21 -28.69 -13.41
N THR A 266 20.96 -29.04 -13.10
CA THR A 266 20.46 -30.39 -13.34
C THR A 266 19.03 -30.49 -13.88
N GLU A 267 18.21 -29.48 -13.61
CA GLU A 267 16.77 -29.53 -13.89
C GLU A 267 16.40 -29.51 -15.38
N LEU A 268 17.19 -28.81 -16.19
CA LEU A 268 16.95 -28.74 -17.63
C LEU A 268 17.01 -30.12 -18.28
N ALA A 269 17.91 -30.97 -17.78
CA ALA A 269 18.03 -32.36 -18.25
C ALA A 269 16.75 -33.17 -18.05
N LYS A 270 15.99 -32.79 -17.02
CA LYS A 270 14.71 -33.44 -16.70
C LYS A 270 13.56 -32.97 -17.59
N ILE A 271 13.57 -31.69 -17.97
CA ILE A 271 12.60 -31.15 -18.93
C ILE A 271 12.74 -31.86 -20.28
N MET A 272 13.99 -32.00 -20.75
CA MET A 272 14.29 -32.68 -22.00
C MET A 272 13.96 -34.16 -21.93
N GLU A 273 14.01 -34.73 -20.73
CA GLU A 273 13.71 -36.15 -20.53
C GLU A 273 12.21 -36.40 -20.65
N ALA A 274 11.42 -35.53 -20.03
CA ALA A 274 9.96 -35.64 -20.05
C ALA A 274 9.35 -35.15 -21.36
N LYS A 275 10.01 -34.20 -22.02
CA LYS A 275 9.57 -33.70 -23.32
C LYS A 275 10.77 -33.48 -24.25
N PRO A 276 11.17 -34.54 -24.98
CA PRO A 276 12.36 -34.49 -25.83
C PRO A 276 12.25 -33.53 -27.03
N GLU A 277 11.03 -33.22 -27.45
CA GLU A 277 10.78 -32.36 -28.61
C GLU A 277 11.06 -30.88 -28.30
N MET A 278 11.09 -30.55 -27.01
CA MET A 278 11.29 -29.18 -26.56
C MET A 278 12.49 -28.54 -27.23
N GLN A 279 12.32 -27.28 -27.64
CA GLN A 279 13.36 -26.55 -28.33
C GLN A 279 14.02 -25.57 -27.37
N VAL A 280 15.25 -25.88 -26.97
CA VAL A 280 15.95 -25.12 -25.95
C VAL A 280 17.13 -24.35 -26.54
N THR A 281 17.03 -23.02 -26.57
CA THR A 281 18.11 -22.18 -27.09
C THR A 281 18.76 -21.35 -25.98
N VAL A 282 20.08 -21.42 -25.90
CA VAL A 282 20.83 -20.48 -25.06
C VAL A 282 21.62 -19.53 -25.96
N LEU A 283 21.21 -18.26 -25.94
CA LEU A 283 21.72 -17.26 -26.88
C LEU A 283 23.18 -16.90 -26.60
N THR A 284 23.94 -16.76 -27.68
CA THR A 284 25.31 -16.28 -27.62
C THR A 284 25.32 -14.78 -27.31
N ASP A 285 26.48 -14.27 -26.88
CA ASP A 285 26.64 -12.84 -26.61
C ASP A 285 26.28 -11.99 -27.83
N GLU A 286 26.60 -12.50 -29.01
CA GLU A 286 26.21 -11.89 -30.28
C GLU A 286 24.68 -11.71 -30.37
N GLN A 287 23.95 -12.77 -30.02
CA GLN A 287 22.49 -12.76 -30.07
C GLN A 287 21.85 -11.96 -28.93
N ARG A 288 22.60 -11.79 -27.83
CA ARG A 288 22.10 -11.09 -26.65
C ARG A 288 22.24 -9.57 -26.73
N SER A 289 22.90 -9.09 -27.79
CA SER A 289 23.22 -7.67 -27.96
C SER A 289 22.01 -6.73 -27.85
N CYS A 290 20.91 -7.05 -28.51
CA CYS A 290 19.71 -6.19 -28.49
C CYS A 290 19.06 -6.15 -27.11
N PHE A 291 19.23 -7.22 -26.34
CA PHE A 291 18.69 -7.32 -24.98
C PHE A 291 19.48 -6.46 -23.98
N LYS A 292 20.80 -6.45 -24.14
CA LYS A 292 21.68 -5.63 -23.30
C LYS A 292 21.58 -4.14 -23.65
N GLU A 293 21.18 -3.83 -24.88
CA GLU A 293 20.94 -2.46 -25.31
C GLU A 293 19.70 -1.87 -24.61
N ALA A 294 18.71 -2.73 -24.41
CA ALA A 294 17.48 -2.38 -23.68
C ALA A 294 17.74 -2.22 -22.19
N ALA A 295 18.80 -2.85 -21.70
CA ALA A 295 19.14 -2.85 -20.27
C ALA A 295 19.50 -1.47 -19.74
N ALA A 296 20.10 -0.64 -20.59
CA ALA A 296 20.53 0.70 -20.21
C ALA A 296 19.37 1.69 -20.10
N GLU A 297 18.40 1.57 -21.01
CA GLU A 297 17.24 2.46 -21.01
C GLU A 297 16.21 2.09 -19.95
N VAL A 298 16.20 0.82 -19.55
CA VAL A 298 15.38 0.37 -18.42
C VAL A 298 15.96 0.94 -17.12
N GLU A 299 17.29 0.94 -17.02
CA GLU A 299 17.99 1.52 -15.87
C GLU A 299 17.68 3.00 -15.73
N ALA A 300 17.69 3.70 -16.87
CA ALA A 300 17.34 5.12 -16.92
C ALA A 300 15.91 5.37 -16.46
N LYS A 301 15.01 4.44 -16.81
CA LYS A 301 13.61 4.49 -16.39
C LYS A 301 13.45 4.33 -14.88
N PHE A 302 14.26 3.44 -14.30
CA PHE A 302 14.25 3.18 -12.86
C PHE A 302 14.61 4.40 -12.02
N ILE A 303 15.59 5.18 -12.51
CA ILE A 303 16.01 6.42 -11.87
C ILE A 303 14.86 7.43 -11.82
N GLU A 304 14.13 7.51 -12.94
CA GLU A 304 12.99 8.43 -13.08
C GLU A 304 11.85 8.14 -12.11
N MET A 305 11.57 6.85 -11.92
CA MET A 305 10.43 6.41 -11.11
C MET A 305 10.64 6.55 -9.61
N THR A 306 11.80 6.11 -9.12
CA THR A 306 12.04 6.00 -7.67
C THR A 306 12.75 7.22 -7.07
N GLY A 307 13.12 8.17 -7.93
CA GLY A 307 13.78 9.41 -7.49
C GLY A 307 15.17 9.19 -6.94
N ASP A 308 15.67 10.16 -6.18
CA ASP A 308 17.01 10.09 -5.61
C ASP A 308 17.13 9.11 -4.43
N SER A 309 15.98 8.68 -3.91
CA SER A 309 15.93 7.67 -2.86
C SER A 309 16.47 6.32 -3.34
N GLY A 310 15.92 5.82 -4.44
CA GLY A 310 16.36 4.55 -5.03
C GLY A 310 17.64 4.65 -5.83
N ALA A 311 18.09 5.88 -6.11
CA ALA A 311 19.34 6.10 -6.83
C ALA A 311 20.55 5.70 -5.99
N ALA A 312 20.50 6.00 -4.69
CA ALA A 312 21.55 5.61 -3.75
C ALA A 312 21.61 4.10 -3.53
N ILE A 313 20.47 3.43 -3.75
CA ILE A 313 20.40 1.98 -3.68
C ILE A 313 21.12 1.33 -4.86
N LEU A 314 20.93 1.88 -6.06
CA LEU A 314 21.60 1.35 -7.25
C LEU A 314 23.11 1.50 -7.17
N LYS A 315 23.58 2.65 -6.69
CA LYS A 315 25.01 2.90 -6.56
C LYS A 315 25.66 1.89 -5.60
N GLN A 316 25.07 1.75 -4.42
CA GLN A 316 25.59 0.84 -3.40
C GLN A 316 25.55 -0.61 -3.87
N MET A 317 24.46 -0.99 -4.54
CA MET A 317 24.33 -2.33 -5.11
C MET A 317 25.46 -2.66 -6.07
N LYS A 318 25.90 -1.65 -6.84
CA LYS A 318 27.00 -1.81 -7.77
C LYS A 318 28.35 -1.93 -7.05
N ALA A 319 28.49 -1.20 -5.95
CA ALA A 319 29.69 -1.24 -5.11
C ALA A 319 29.79 -2.55 -4.33
N ASP A 320 28.64 -3.10 -3.96
CA ASP A 320 28.58 -4.39 -3.27
C ASP A 320 28.98 -5.54 -4.20
N LEU A 321 28.53 -5.46 -5.45
CA LEU A 321 28.89 -6.43 -6.49
C LEU A 321 30.39 -6.43 -6.77
N ALA A 322 30.98 -5.24 -6.81
CA ALA A 322 32.40 -5.09 -7.09
C ALA A 322 33.26 -5.63 -5.96
N ALA A 323 32.85 -5.37 -4.72
CA ALA A 323 33.62 -5.76 -3.54
C ALA A 323 33.48 -7.24 -3.22
N THR A 324 32.72 -7.95 -4.03
CA THR A 324 32.42 -9.36 -3.76
C THR A 324 32.64 -10.25 -4.98
N ASP B 15 8.28 34.80 14.63
CA ASP B 15 8.56 33.44 15.17
C ASP B 15 8.29 32.34 14.13
N THR B 16 8.61 31.10 14.49
CA THR B 16 8.40 29.94 13.61
C THR B 16 6.94 29.45 13.67
N TRP B 17 6.70 28.27 14.24
CA TRP B 17 5.35 27.66 14.32
C TRP B 17 4.78 27.38 12.92
N ARG B 18 5.17 26.23 12.37
CA ARG B 18 4.74 25.80 11.04
C ARG B 18 3.48 24.93 11.12
N TYR B 19 2.62 25.07 10.12
CA TYR B 19 1.27 24.47 10.13
C TYR B 19 0.95 23.92 8.73
N ALA B 20 0.72 22.62 8.65
CA ALA B 20 0.43 21.98 7.36
C ALA B 20 -0.89 21.24 7.37
N PHE B 21 -1.61 21.31 6.25
CA PHE B 21 -2.90 20.66 6.09
C PHE B 21 -3.06 19.97 4.73
N GLU B 22 -4.17 19.25 4.55
CA GLU B 22 -4.37 18.33 3.42
C GLU B 22 -5.09 18.93 2.20
N GLU B 23 -5.53 20.17 2.30
CA GLU B 23 -6.33 20.79 1.24
C GLU B 23 -5.73 22.11 0.76
N ALA B 24 -6.43 22.79 -0.13
CA ALA B 24 -6.01 24.11 -0.62
C ALA B 24 -6.34 25.17 0.42
N MET B 25 -5.86 26.40 0.18
CA MET B 25 -6.16 27.54 1.04
C MET B 25 -7.64 27.90 1.06
N THR B 26 -8.27 27.77 -0.12
CA THR B 26 -9.69 28.11 -0.28
C THR B 26 -10.62 27.02 0.26
N ASP B 27 -10.11 25.82 0.35
CA ASP B 27 -10.87 24.67 0.73
C ASP B 27 -11.18 24.81 2.15
N VAL B 28 -11.75 23.80 2.74
CA VAL B 28 -12.35 23.95 4.02
C VAL B 28 -11.42 23.84 5.19
N GLN B 29 -10.31 23.17 4.99
CA GLN B 29 -9.28 23.05 6.00
C GLN B 29 -8.44 24.29 6.02
N GLY B 30 -8.33 24.94 4.88
CA GLY B 30 -7.69 26.24 4.70
C GLY B 30 -8.42 27.34 5.44
N VAL B 31 -9.74 27.32 5.40
CA VAL B 31 -10.57 28.28 6.12
C VAL B 31 -10.30 28.18 7.63
N TYR B 32 -10.12 26.96 8.11
CA TYR B 32 -9.76 26.70 9.50
C TYR B 32 -8.37 27.25 9.80
N ALA B 33 -7.39 26.89 8.96
CA ALA B 33 -6.00 27.29 9.13
C ALA B 33 -5.88 28.81 9.21
N GLN B 34 -6.54 29.50 8.28
CA GLN B 34 -6.46 30.96 8.22
C GLN B 34 -7.09 31.68 9.41
N LYS B 35 -8.13 31.10 9.99
CA LYS B 35 -8.73 31.65 11.21
C LYS B 35 -7.84 31.38 12.42
N PHE B 36 -7.23 30.19 12.43
CA PHE B 36 -6.26 29.84 13.45
C PHE B 36 -5.06 30.78 13.38
N LYS B 37 -4.60 31.09 12.17
CA LYS B 37 -3.50 32.05 11.97
C LYS B 37 -3.84 33.47 12.42
N GLU B 38 -5.04 33.93 12.08
CA GLU B 38 -5.55 35.23 12.51
C GLU B 38 -5.55 35.38 14.02
N GLU B 39 -6.11 34.37 14.70
CA GLU B 39 -6.32 34.43 16.15
C GLU B 39 -5.01 34.35 16.93
N ILE B 40 -4.08 33.52 16.47
CA ILE B 40 -2.74 33.47 17.06
C ILE B 40 -2.02 34.81 16.92
N GLU B 41 -2.05 35.37 15.70
CA GLU B 41 -1.31 36.60 15.41
C GLU B 41 -1.92 37.88 15.96
N ALA B 42 -3.22 37.85 16.27
CA ALA B 42 -3.91 39.02 16.83
C ALA B 42 -3.75 39.15 18.34
N ASN B 43 -3.30 38.06 18.98
CA ASN B 43 -3.19 38.01 20.44
C ASN B 43 -1.80 37.67 20.98
N SER B 44 -0.78 37.76 20.12
CA SER B 44 0.60 37.50 20.55
C SER B 44 1.63 38.05 19.55
N ASP B 45 2.90 37.80 19.86
CA ASP B 45 4.01 38.12 18.98
C ASP B 45 4.37 36.94 18.09
N HIS B 46 3.75 35.79 18.37
CA HIS B 46 3.96 34.58 17.57
C HIS B 46 3.35 34.73 16.17
N GLU B 47 3.87 33.95 15.23
CA GLU B 47 3.43 34.04 13.84
C GLU B 47 3.29 32.64 13.25
N ILE B 48 2.15 32.39 12.59
CA ILE B 48 1.91 31.08 11.98
C ILE B 48 2.26 31.08 10.50
N GLN B 49 2.96 30.03 10.09
CA GLN B 49 3.35 29.85 8.69
C GLN B 49 2.55 28.68 8.12
N LEU B 50 1.77 28.96 7.08
CA LEU B 50 0.82 27.99 6.50
C LEU B 50 1.43 27.16 5.36
N PHE B 51 0.99 25.90 5.25
CA PHE B 51 1.50 24.99 4.22
C PHE B 51 0.40 24.09 3.63
N PRO B 52 -0.29 24.59 2.59
CA PRO B 52 -1.39 23.84 1.98
C PRO B 52 -0.91 22.59 1.25
N TYR B 53 -1.86 21.77 0.78
CA TYR B 53 -1.54 20.65 -0.08
C TYR B 53 -0.90 21.17 -1.37
N GLY B 54 0.12 20.45 -1.84
CA GLY B 54 0.88 20.88 -3.01
C GLY B 54 2.31 21.25 -2.65
N THR B 55 2.51 21.63 -1.40
CA THR B 55 3.83 21.83 -0.82
C THR B 55 4.02 20.70 0.20
N LEU B 56 5.27 20.25 0.38
CA LEU B 56 5.61 19.22 1.39
C LEU B 56 5.11 17.79 1.11
N GLY B 57 4.07 17.64 0.30
CA GLY B 57 3.59 16.31 -0.11
C GLY B 57 2.30 15.83 0.56
N GLU B 58 2.10 14.51 0.51
CA GLU B 58 0.85 13.87 0.95
C GLU B 58 0.65 13.90 2.47
N SER B 59 -0.54 13.51 2.91
CA SER B 59 -0.93 13.53 4.33
C SER B 59 -0.01 12.68 5.22
N ALA B 60 0.40 11.52 4.69
CA ALA B 60 1.34 10.63 5.38
C ALA B 60 2.71 11.29 5.57
N ASP B 61 3.12 12.12 4.61
CA ASP B 61 4.39 12.83 4.67
C ASP B 61 4.43 13.90 5.77
N ILE B 62 3.40 14.74 5.82
CA ILE B 62 3.36 15.84 6.77
C ILE B 62 3.21 15.36 8.23
N MET B 63 2.49 14.25 8.43
CA MET B 63 2.38 13.64 9.75
C MET B 63 3.74 13.15 10.27
N GLU B 64 4.53 12.53 9.39
CA GLU B 64 5.91 12.16 9.72
C GLU B 64 6.74 13.40 10.04
N GLN B 65 6.51 14.47 9.29
CA GLN B 65 7.23 15.73 9.46
C GLN B 65 6.87 16.42 10.78
N THR B 66 5.64 16.22 11.23
CA THR B 66 5.18 16.75 12.51
C THR B 66 5.75 15.95 13.67
N GLN B 67 5.85 14.63 13.49
CA GLN B 67 6.39 13.76 14.52
C GLN B 67 7.91 13.86 14.64
N ASP B 68 8.58 14.15 13.51
CA ASP B 68 10.03 14.39 13.51
C ASP B 68 10.38 15.74 14.11
N GLY B 69 9.41 16.65 14.14
CA GLY B 69 9.59 17.96 14.77
C GLY B 69 9.90 19.11 13.83
N ILE B 70 9.78 18.86 12.53
CA ILE B 70 9.94 19.93 11.53
C ILE B 70 8.72 20.85 11.58
N LEU B 71 7.54 20.23 11.63
CA LEU B 71 6.27 20.96 11.71
C LEU B 71 5.73 20.97 13.14
N GLN B 72 4.98 22.02 13.47
CA GLN B 72 4.46 22.23 14.83
C GLN B 72 2.96 21.92 14.92
N PHE B 73 2.23 22.27 13.88
CA PHE B 73 0.80 21.99 13.80
C PHE B 73 0.47 21.25 12.51
N VAL B 74 -0.36 20.22 12.61
CA VAL B 74 -0.77 19.46 11.43
C VAL B 74 -2.24 19.05 11.47
N ASP B 75 -2.84 19.04 10.28
CA ASP B 75 -4.20 18.56 10.09
C ASP B 75 -4.11 17.22 9.41
N GLN B 76 -4.56 16.18 10.08
CA GLN B 76 -4.64 14.85 9.49
C GLN B 76 -5.99 14.21 9.78
N SER B 77 -6.69 13.84 8.71
CA SER B 77 -8.00 13.21 8.81
C SER B 77 -7.89 11.78 9.35
N PRO B 78 -8.85 11.37 10.21
CA PRO B 78 -8.93 10.00 10.73
C PRO B 78 -8.86 8.95 9.63
N GLY B 79 -9.17 9.35 8.40
CA GLY B 79 -9.08 8.47 7.23
C GLY B 79 -7.68 7.94 6.96
N PHE B 80 -6.68 8.64 7.48
CA PHE B 80 -5.29 8.21 7.33
C PHE B 80 -4.69 7.73 8.65
N THR B 81 -5.24 8.19 9.76
CA THR B 81 -4.74 7.86 11.10
C THR B 81 -5.23 6.50 11.61
N GLY B 82 -6.19 5.90 10.90
CA GLY B 82 -6.78 4.63 11.29
C GLY B 82 -5.78 3.50 11.42
N SER B 83 -4.67 3.60 10.67
CA SER B 83 -3.59 2.61 10.71
C SER B 83 -2.76 2.77 11.98
N LEU B 84 -2.53 4.02 12.36
CA LEU B 84 -1.74 4.35 13.55
C LEU B 84 -2.56 4.12 14.82
N ILE B 85 -3.58 4.95 15.03
CA ILE B 85 -4.54 4.76 16.12
C ILE B 85 -5.72 3.95 15.59
N PRO B 86 -5.82 2.67 15.98
CA PRO B 86 -6.83 1.77 15.43
C PRO B 86 -8.26 2.22 15.71
N GLU B 87 -8.50 2.80 16.88
CA GLU B 87 -9.84 3.22 17.27
C GLU B 87 -10.22 4.62 16.72
N ALA B 88 -9.55 5.04 15.66
CA ALA B 88 -9.96 6.22 14.89
C ALA B 88 -10.81 5.76 13.71
N GLN B 89 -11.00 4.45 13.61
CA GLN B 89 -11.81 3.84 12.58
C GLN B 89 -13.31 4.01 12.82
N VAL B 90 -13.67 4.50 14.01
CA VAL B 90 -15.07 4.74 14.41
C VAL B 90 -15.82 5.66 13.43
N PHE B 91 -15.09 6.61 12.85
CA PHE B 91 -15.70 7.61 11.97
C PHE B 91 -16.09 7.07 10.59
N PHE B 92 -15.91 5.76 10.41
CA PHE B 92 -16.26 5.10 9.15
C PHE B 92 -17.24 3.94 9.36
N VAL B 93 -17.93 3.97 10.48
CA VAL B 93 -19.11 3.13 10.68
C VAL B 93 -20.27 3.86 10.03
N PRO B 94 -20.77 3.34 8.90
CA PRO B 94 -21.78 4.04 8.11
C PRO B 94 -23.02 4.39 8.93
N TYR B 95 -23.54 5.59 8.70
CA TYR B 95 -24.78 6.09 9.30
C TYR B 95 -24.72 6.30 10.82
N LEU B 96 -23.53 6.21 11.39
CA LEU B 96 -23.31 6.50 12.82
C LEU B 96 -23.47 8.00 13.06
N LEU B 97 -22.77 8.79 12.24
CA LEU B 97 -22.85 10.23 12.32
C LEU B 97 -24.12 10.75 11.64
N PRO B 98 -24.85 11.65 12.32
CA PRO B 98 -26.07 12.26 11.78
C PRO B 98 -25.79 13.12 10.55
N THR B 99 -26.83 13.42 9.79
CA THR B 99 -26.68 14.24 8.59
C THR B 99 -27.06 15.71 8.88
N ASP B 100 -27.87 15.91 9.92
CA ASP B 100 -28.27 17.24 10.41
C ASP B 100 -27.03 18.04 10.82
N GLN B 101 -26.65 18.99 9.97
CA GLN B 101 -25.38 19.72 10.13
C GLN B 101 -25.31 20.61 11.38
N ASP B 102 -26.47 21.07 11.85
CA ASP B 102 -26.56 21.84 13.10
C ASP B 102 -26.28 20.94 14.31
N HIS B 103 -26.89 19.76 14.31
CA HIS B 103 -26.74 18.77 15.38
C HIS B 103 -25.33 18.17 15.39
N LEU B 104 -24.74 18.06 14.19
CA LEU B 104 -23.39 17.52 14.04
C LEU B 104 -22.32 18.47 14.59
N ALA B 105 -22.55 19.77 14.44
CA ALA B 105 -21.61 20.77 14.91
C ALA B 105 -21.53 20.82 16.43
N ARG B 106 -22.66 20.60 17.09
CA ARG B 106 -22.75 20.60 18.55
C ARG B 106 -22.07 19.36 19.13
N PHE B 107 -22.06 18.28 18.35
CA PHE B 107 -21.43 17.03 18.73
C PHE B 107 -19.93 17.19 18.93
N PHE B 108 -19.20 17.45 17.85
CA PHE B 108 -17.73 17.56 17.88
C PHE B 108 -17.21 18.58 18.89
N LYS B 109 -18.03 19.58 19.20
CA LYS B 109 -17.67 20.63 20.14
C LYS B 109 -17.81 20.15 21.57
N GLU B 110 -18.92 19.47 21.87
CA GLU B 110 -19.24 19.06 23.23
C GLU B 110 -19.09 17.55 23.50
N SER B 111 -18.38 16.84 22.63
CA SER B 111 -18.24 15.39 22.80
C SER B 111 -17.19 15.00 23.82
N LYS B 112 -17.63 14.24 24.82
CA LYS B 112 -16.75 13.67 25.84
C LYS B 112 -15.80 12.64 25.23
N ALA B 113 -16.26 11.98 24.16
CA ALA B 113 -15.44 11.00 23.44
C ALA B 113 -14.29 11.64 22.67
N ILE B 114 -14.62 12.67 21.87
CA ILE B 114 -13.65 13.38 21.04
C ILE B 114 -12.64 14.16 21.88
N ASN B 115 -13.15 14.91 22.86
CA ASN B 115 -12.34 15.90 23.56
C ASN B 115 -11.76 15.42 24.90
N ASP B 116 -12.04 14.15 25.23
CA ASP B 116 -11.51 13.57 26.46
C ASP B 116 -10.87 12.20 26.23
N MET B 117 -11.59 11.31 25.55
CA MET B 117 -11.14 9.92 25.40
C MET B 117 -10.12 9.75 24.28
N PHE B 118 -10.19 10.61 23.27
CA PHE B 118 -9.26 10.55 22.15
C PHE B 118 -7.90 11.20 22.44
N LYS B 119 -7.89 12.22 23.30
CA LYS B 119 -6.68 12.98 23.60
C LYS B 119 -5.48 12.16 24.15
N PRO B 120 -5.71 11.25 25.12
CA PRO B 120 -4.59 10.42 25.57
C PRO B 120 -4.12 9.41 24.53
N LEU B 121 -5.01 9.02 23.61
CA LEU B 121 -4.67 8.07 22.56
C LEU B 121 -3.77 8.67 21.48
N TYR B 122 -4.05 9.92 21.12
CA TYR B 122 -3.17 10.68 20.22
C TYR B 122 -1.85 11.00 20.88
N ALA B 123 -1.90 11.26 22.19
CA ALA B 123 -0.70 11.52 23.01
C ALA B 123 0.27 10.36 22.99
N ASP B 124 -0.26 9.14 22.92
CA ASP B 124 0.55 7.92 22.84
C ASP B 124 1.43 7.90 21.59
N GLN B 125 1.09 8.73 20.61
CA GLN B 125 1.90 8.87 19.39
C GLN B 125 2.61 10.22 19.31
N GLY B 126 2.68 10.92 20.45
CA GLY B 126 3.40 12.19 20.54
C GLY B 126 2.70 13.35 19.86
N LEU B 127 1.38 13.42 20.00
CA LEU B 127 0.58 14.47 19.40
C LEU B 127 -0.45 15.04 20.38
N GLU B 128 -0.57 16.37 20.42
CA GLU B 128 -1.54 17.04 21.27
C GLU B 128 -2.75 17.43 20.45
N LEU B 129 -3.83 16.66 20.62
CA LEU B 129 -5.06 16.85 19.85
C LEU B 129 -5.81 18.12 20.28
N LEU B 130 -6.09 18.99 19.31
CA LEU B 130 -6.81 20.24 19.56
C LEU B 130 -8.32 20.12 19.32
N ASN B 131 -8.68 19.77 18.09
CA ASN B 131 -10.07 19.74 17.64
C ASN B 131 -10.29 18.62 16.65
N MET B 132 -11.54 18.17 16.55
CA MET B 132 -12.01 17.49 15.35
C MET B 132 -13.20 18.29 14.84
N PHE B 133 -13.33 18.40 13.52
CA PHE B 133 -14.47 19.08 12.94
C PHE B 133 -15.00 18.41 11.68
N PRO B 134 -16.30 18.60 11.37
CA PRO B 134 -16.88 18.03 10.17
C PRO B 134 -16.63 18.90 8.94
N GLU B 135 -16.76 18.30 7.76
CA GLU B 135 -16.49 18.98 6.51
C GLU B 135 -17.67 18.86 5.55
N GLY B 136 -18.64 18.03 5.91
CA GLY B 136 -19.86 17.88 5.11
C GLY B 136 -20.17 16.45 4.73
N GLU B 137 -21.44 16.21 4.38
CA GLU B 137 -21.92 14.93 3.88
C GLU B 137 -21.13 14.49 2.65
N VAL B 138 -20.79 13.20 2.59
CA VAL B 138 -19.96 12.68 1.50
C VAL B 138 -20.79 12.10 0.34
N ALA B 139 -20.20 12.08 -0.85
CA ALA B 139 -20.90 11.63 -2.05
C ALA B 139 -20.02 10.76 -2.93
N MET B 140 -20.60 9.67 -3.44
CA MET B 140 -19.90 8.77 -4.35
C MET B 140 -19.83 9.36 -5.74
N THR B 141 -18.65 9.36 -6.35
CA THR B 141 -18.54 9.67 -7.77
C THR B 141 -18.01 8.46 -8.51
N THR B 142 -18.81 7.97 -9.46
CA THR B 142 -18.48 6.82 -10.27
C THR B 142 -18.70 7.13 -11.75
N LYS B 143 -18.32 6.21 -12.63
CA LYS B 143 -18.63 6.32 -14.06
C LYS B 143 -19.77 5.40 -14.49
N THR B 144 -20.24 4.58 -13.57
CA THR B 144 -21.43 3.78 -13.83
C THR B 144 -22.49 4.14 -12.78
N PRO B 145 -23.78 4.09 -13.17
CA PRO B 145 -24.86 4.49 -12.26
C PRO B 145 -24.86 3.69 -10.96
N VAL B 146 -25.11 4.37 -9.85
CA VAL B 146 -25.27 3.70 -8.56
C VAL B 146 -26.67 3.97 -8.00
N THR B 147 -27.51 2.93 -8.06
CA THR B 147 -28.88 2.99 -7.56
C THR B 147 -29.04 2.10 -6.33
N THR B 148 -28.42 0.92 -6.37
CA THR B 148 -28.35 0.02 -5.23
C THR B 148 -26.92 -0.47 -5.02
N CYS B 149 -26.74 -1.32 -4.02
CA CYS B 149 -25.43 -1.82 -3.64
C CYS B 149 -24.82 -2.78 -4.67
N SER B 150 -25.67 -3.49 -5.41
CA SER B 150 -25.20 -4.40 -6.46
C SER B 150 -24.72 -3.68 -7.72
N ASP B 151 -24.98 -2.38 -7.80
CA ASP B 151 -24.46 -1.55 -8.90
C ASP B 151 -22.99 -1.19 -8.71
N LEU B 152 -22.49 -1.41 -7.49
CA LEU B 152 -21.08 -1.19 -7.18
C LEU B 152 -20.23 -2.44 -7.46
N ASP B 153 -20.90 -3.56 -7.73
CA ASP B 153 -20.24 -4.82 -8.01
C ASP B 153 -19.10 -4.63 -9.03
N GLU B 154 -17.89 -4.94 -8.57
CA GLU B 154 -16.67 -4.87 -9.39
C GLU B 154 -16.39 -3.47 -9.96
N VAL B 155 -16.58 -2.46 -9.11
CA VAL B 155 -16.13 -1.11 -9.39
C VAL B 155 -14.90 -0.89 -8.53
N LYS B 156 -13.77 -0.57 -9.16
CA LYS B 156 -12.55 -0.25 -8.44
C LYS B 156 -12.69 1.14 -7.81
N PHE B 157 -12.96 1.14 -6.51
CA PHE B 157 -13.34 2.33 -5.76
C PHE B 157 -12.19 2.80 -4.87
N ARG B 158 -11.63 3.97 -5.18
CA ARG B 158 -10.57 4.57 -4.37
C ARG B 158 -11.11 4.94 -3.00
N VAL B 159 -10.26 4.85 -1.99
CA VAL B 159 -10.65 5.03 -0.61
C VAL B 159 -9.43 5.49 0.20
N MET B 160 -9.65 6.22 1.29
CA MET B 160 -8.54 6.63 2.16
C MET B 160 -7.92 5.41 2.85
N THR B 161 -6.68 5.54 3.32
CA THR B 161 -5.91 4.38 3.77
C THR B 161 -6.16 3.96 5.22
N ASN B 162 -7.35 3.41 5.50
CA ASN B 162 -7.63 2.76 6.79
C ASN B 162 -8.56 1.55 6.68
N PRO B 163 -8.29 0.50 7.49
CA PRO B 163 -8.91 -0.83 7.36
C PRO B 163 -10.43 -0.87 7.30
N LEU B 164 -11.11 -0.13 8.18
CA LEU B 164 -12.57 -0.19 8.26
C LEU B 164 -13.27 0.44 7.05
N LEU B 165 -12.71 1.55 6.56
CA LEU B 165 -13.23 2.20 5.35
C LEU B 165 -13.12 1.25 4.17
N VAL B 166 -12.03 0.47 4.13
CA VAL B 166 -11.84 -0.57 3.13
C VAL B 166 -12.92 -1.66 3.29
N GLU B 167 -13.23 -2.00 4.54
CA GLU B 167 -14.27 -3.00 4.84
C GLU B 167 -15.67 -2.52 4.46
N SER B 168 -15.89 -1.20 4.53
CA SER B 168 -17.17 -0.58 4.20
C SER B 168 -17.59 -0.82 2.75
N TYR B 169 -16.65 -0.60 1.84
CA TYR B 169 -16.93 -0.72 0.42
C TYR B 169 -16.92 -2.17 -0.08
N LYS B 170 -16.30 -3.07 0.71
CA LYS B 170 -16.44 -4.51 0.52
C LYS B 170 -17.87 -4.94 0.86
N ALA B 171 -18.37 -4.42 1.98
CA ALA B 171 -19.74 -4.65 2.43
C ALA B 171 -20.78 -4.01 1.52
N PHE B 172 -20.36 -2.98 0.78
CA PHE B 172 -21.23 -2.32 -0.20
C PHE B 172 -21.31 -3.10 -1.52
N GLY B 173 -20.29 -3.92 -1.78
CA GLY B 173 -20.25 -4.74 -3.00
C GLY B 173 -19.15 -4.34 -3.97
N ALA B 174 -18.45 -3.26 -3.65
CA ALA B 174 -17.37 -2.76 -4.50
C ALA B 174 -16.04 -3.45 -4.21
N THR B 175 -15.03 -3.15 -5.02
CA THR B 175 -13.67 -3.64 -4.81
C THR B 175 -12.77 -2.48 -4.40
N PRO B 176 -12.59 -2.28 -3.08
CA PRO B 176 -11.93 -1.09 -2.52
C PRO B 176 -10.44 -1.02 -2.81
N THR B 177 -9.96 0.19 -3.09
CA THR B 177 -8.53 0.42 -3.34
C THR B 177 -8.02 1.59 -2.49
N PRO B 178 -7.13 1.29 -1.51
CA PRO B 178 -6.52 2.33 -0.70
C PRO B 178 -5.45 3.07 -1.49
N LEU B 179 -5.67 4.36 -1.70
CA LEU B 179 -4.73 5.19 -2.45
C LEU B 179 -4.64 6.59 -1.85
N PRO B 180 -3.41 7.15 -1.80
CA PRO B 180 -3.22 8.55 -1.39
C PRO B 180 -3.78 9.50 -2.45
N TRP B 181 -4.27 10.66 -2.02
CA TRP B 181 -4.98 11.59 -2.89
C TRP B 181 -4.28 11.95 -4.23
N GLY B 182 -2.97 12.14 -4.18
CA GLY B 182 -2.21 12.58 -5.37
C GLY B 182 -2.40 11.75 -6.62
N GLU B 183 -2.90 10.53 -6.47
CA GLU B 183 -3.06 9.60 -7.59
C GLU B 183 -4.52 9.43 -8.04
N VAL B 184 -5.43 10.08 -7.32
CA VAL B 184 -6.86 9.87 -7.53
C VAL B 184 -7.37 10.43 -8.87
N TYR B 185 -7.05 11.68 -9.17
CA TYR B 185 -7.48 12.27 -10.43
C TYR B 185 -6.95 11.46 -11.62
N GLY B 186 -5.62 11.28 -11.66
CA GLY B 186 -4.96 10.56 -12.75
C GLY B 186 -5.43 9.14 -12.94
N GLY B 187 -5.68 8.44 -11.83
CA GLY B 187 -6.18 7.07 -11.87
C GLY B 187 -7.55 6.97 -12.51
N LEU B 188 -8.43 7.90 -12.13
CA LEU B 188 -9.76 8.01 -12.71
C LEU B 188 -9.71 8.36 -14.20
N GLN B 189 -8.84 9.30 -14.54
CA GLN B 189 -8.67 9.75 -15.92
C GLN B 189 -8.20 8.62 -16.84
N THR B 190 -7.28 7.81 -16.35
CA THR B 190 -6.74 6.67 -17.12
C THR B 190 -7.53 5.38 -16.88
N ASN B 191 -8.62 5.48 -16.11
CA ASN B 191 -9.54 4.38 -15.82
C ASN B 191 -8.93 3.17 -15.08
N VAL B 192 -7.91 3.42 -14.28
CA VAL B 192 -7.35 2.40 -13.39
C VAL B 192 -8.24 2.27 -12.14
N ILE B 193 -9.00 3.34 -11.86
CA ILE B 193 -10.07 3.30 -10.86
C ILE B 193 -11.35 3.87 -11.46
N GLN B 194 -12.50 3.43 -10.93
CA GLN B 194 -13.81 3.84 -11.47
C GLN B 194 -14.69 4.57 -10.46
N GLY B 195 -14.20 4.72 -9.23
CA GLY B 195 -14.99 5.32 -8.16
C GLY B 195 -14.18 5.98 -7.06
N GLN B 196 -14.82 6.94 -6.39
CA GLN B 196 -14.18 7.80 -5.40
C GLN B 196 -15.26 8.42 -4.52
N GLU B 197 -14.90 8.82 -3.29
CA GLU B 197 -15.84 9.44 -2.36
C GLU B 197 -15.25 10.63 -1.62
N ASN B 198 -15.99 11.73 -1.59
CA ASN B 198 -15.62 12.97 -0.88
C ASN B 198 -16.82 13.92 -0.71
N PRO B 199 -16.72 14.90 0.21
CA PRO B 199 -17.75 15.94 0.29
C PRO B 199 -17.85 16.81 -0.98
N THR B 200 -18.96 17.53 -1.09
CA THR B 200 -19.33 18.29 -2.29
C THR B 200 -18.41 19.47 -2.59
N PHE B 201 -17.96 20.18 -1.55
CA PHE B 201 -17.06 21.32 -1.73
C PHE B 201 -15.75 20.88 -2.39
N PHE B 202 -15.24 19.73 -1.96
CA PHE B 202 -13.91 19.25 -2.34
C PHE B 202 -13.93 18.62 -3.71
N LEU B 203 -15.02 17.93 -4.03
CA LEU B 203 -15.10 17.27 -5.31
C LEU B 203 -15.47 18.25 -6.43
N TYR B 204 -15.84 19.47 -6.06
CA TYR B 204 -15.93 20.59 -7.01
C TYR B 204 -14.59 21.29 -7.13
N SER B 205 -13.98 21.54 -5.96
CA SER B 205 -12.68 22.20 -5.83
C SER B 205 -11.58 21.51 -6.63
N THR B 206 -11.57 20.17 -6.62
CA THR B 206 -10.55 19.37 -7.30
C THR B 206 -10.93 19.03 -8.75
N LYS B 207 -12.06 19.57 -9.19
CA LYS B 207 -12.59 19.35 -10.54
C LYS B 207 -12.74 17.85 -10.89
N ILE B 208 -12.98 17.01 -9.88
CA ILE B 208 -13.10 15.57 -10.08
C ILE B 208 -14.32 15.17 -10.94
N TYR B 209 -15.20 16.13 -11.16
CA TYR B 209 -16.37 15.93 -12.01
C TYR B 209 -15.98 15.86 -13.50
N GLU B 210 -14.76 16.29 -13.81
CA GLU B 210 -14.23 16.20 -15.18
C GLU B 210 -13.92 14.76 -15.60
N VAL B 211 -13.70 13.89 -14.62
CA VAL B 211 -13.29 12.50 -14.88
C VAL B 211 -14.23 11.46 -14.29
N THR B 212 -15.43 11.88 -13.92
CA THR B 212 -16.48 10.98 -13.45
C THR B 212 -17.81 11.37 -14.08
N ASP B 213 -18.79 10.48 -14.03
CA ASP B 213 -20.06 10.71 -14.72
C ASP B 213 -21.26 10.82 -13.79
N TYR B 214 -21.19 10.13 -12.66
CA TYR B 214 -22.33 10.05 -11.73
C TYR B 214 -21.96 10.45 -10.32
N ILE B 215 -22.78 11.32 -9.72
CA ILE B 215 -22.65 11.68 -8.31
C ILE B 215 -23.82 11.06 -7.56
N THR B 216 -23.53 10.41 -6.43
CA THR B 216 -24.56 9.74 -5.65
C THR B 216 -24.48 10.11 -4.17
N TYR B 217 -25.59 10.59 -3.62
CA TYR B 217 -25.71 10.90 -2.20
C TYR B 217 -26.42 9.77 -1.48
N ALA B 218 -25.64 8.90 -0.83
CA ALA B 218 -26.19 7.79 -0.06
C ALA B 218 -26.41 8.19 1.40
N GLY B 219 -25.76 9.29 1.82
CA GLY B 219 -25.85 9.81 3.19
C GLY B 219 -25.18 8.93 4.24
N HIS B 220 -24.28 8.06 3.80
CA HIS B 220 -23.65 7.07 4.66
C HIS B 220 -22.63 7.65 5.63
N ASN B 221 -22.06 8.81 5.28
CA ASN B 221 -20.99 9.41 6.08
C ASN B 221 -20.83 10.93 5.94
N ASN B 222 -20.32 11.53 7.01
CA ASN B 222 -19.86 12.91 7.01
C ASN B 222 -18.34 12.93 7.15
N PHE B 223 -17.66 13.78 6.37
CA PHE B 223 -16.20 13.81 6.37
C PHE B 223 -15.65 14.49 7.62
N THR B 224 -14.92 13.73 8.43
CA THR B 224 -14.33 14.29 9.65
C THR B 224 -12.83 14.46 9.50
N THR B 225 -12.28 15.41 10.23
CA THR B 225 -10.85 15.71 10.20
C THR B 225 -10.37 16.20 11.57
N ALA B 226 -9.05 16.19 11.78
CA ALA B 226 -8.48 16.47 13.10
C ALA B 226 -7.28 17.40 13.01
N VAL B 227 -7.16 18.29 13.98
CA VAL B 227 -6.04 19.22 14.03
C VAL B 227 -5.27 19.00 15.31
N MET B 228 -3.95 18.84 15.17
CA MET B 228 -3.09 18.51 16.30
C MET B 228 -1.77 19.29 16.28
N ALA B 229 -1.07 19.28 17.40
CA ALA B 229 0.27 19.84 17.51
C ALA B 229 1.25 18.77 17.98
N ASN B 230 2.52 18.95 17.62
CA ASN B 230 3.60 18.14 18.17
C ASN B 230 3.58 18.27 19.69
N LYS B 231 3.43 17.13 20.37
CA LYS B 231 3.20 17.11 21.82
C LYS B 231 4.38 17.67 22.60
N ASP B 232 5.59 17.31 22.19
CA ASP B 232 6.81 17.85 22.79
C ASP B 232 6.84 19.36 22.67
N PHE B 233 6.55 19.86 21.47
CA PHE B 233 6.45 21.29 21.23
C PHE B 233 5.42 21.93 22.15
N TYR B 234 4.21 21.39 22.15
CA TYR B 234 3.09 21.92 22.93
C TYR B 234 3.38 21.95 24.43
N ASP B 235 3.95 20.88 24.96
CA ASP B 235 4.32 20.79 26.36
C ASP B 235 5.45 21.74 26.73
N GLY B 236 6.19 22.19 25.71
CA GLY B 236 7.28 23.15 25.90
C GLY B 236 6.80 24.57 26.09
N LEU B 237 5.54 24.83 25.71
CA LEU B 237 4.97 26.18 25.77
C LEU B 237 4.57 26.58 27.19
N SER B 238 4.54 27.89 27.42
CA SER B 238 4.07 28.45 28.69
C SER B 238 2.55 28.29 28.81
N ALA B 239 2.05 28.36 30.04
CA ALA B 239 0.62 28.24 30.32
C ALA B 239 -0.22 29.24 29.54
N GLU B 240 0.36 30.42 29.27
CA GLU B 240 -0.30 31.46 28.49
C GLU B 240 -0.30 31.11 27.00
N ASP B 241 0.83 30.61 26.50
CA ASP B 241 0.93 30.19 25.10
C ASP B 241 0.02 29.00 24.81
N GLN B 242 -0.01 28.03 25.72
CA GLN B 242 -0.88 26.86 25.59
C GLN B 242 -2.35 27.27 25.49
N GLN B 243 -2.75 28.18 26.38
CA GLN B 243 -4.10 28.75 26.38
C GLN B 243 -4.38 29.51 25.08
N LEU B 244 -3.40 30.27 24.62
CA LEU B 244 -3.49 30.98 23.35
C LEU B 244 -3.83 30.04 22.20
N VAL B 245 -3.18 28.88 22.19
CA VAL B 245 -3.45 27.86 21.18
C VAL B 245 -4.88 27.33 21.32
N GLN B 246 -5.27 26.98 22.54
CA GLN B 246 -6.61 26.45 22.80
C GLN B 246 -7.68 27.46 22.37
N ASN B 247 -7.44 28.73 22.69
CA ASN B 247 -8.34 29.82 22.29
C ASN B 247 -8.48 29.93 20.77
N ALA B 248 -7.35 29.85 20.08
CA ALA B 248 -7.33 29.97 18.63
C ALA B 248 -7.99 28.78 17.94
N ALA B 249 -7.83 27.59 18.52
CA ALA B 249 -8.46 26.38 17.97
C ALA B 249 -9.98 26.42 18.11
N LEU B 250 -10.46 26.86 19.27
CA LEU B 250 -11.90 27.01 19.50
C LEU B 250 -12.54 28.09 18.62
N ALA B 251 -11.80 29.17 18.40
CA ALA B 251 -12.28 30.25 17.54
C ALA B 251 -12.32 29.82 16.07
N ALA B 252 -11.32 29.03 15.68
CA ALA B 252 -11.26 28.48 14.33
C ALA B 252 -12.38 27.47 14.09
N TYR B 253 -12.70 26.67 15.11
CA TYR B 253 -13.75 25.67 14.99
C TYR B 253 -15.10 26.34 14.71
N ASP B 254 -15.46 27.33 15.54
CA ASP B 254 -16.72 28.04 15.38
C ASP B 254 -16.85 28.72 14.02
N HIS B 255 -15.75 29.30 13.53
CA HIS B 255 -15.73 29.94 12.22
C HIS B 255 -15.89 28.94 11.08
N THR B 256 -15.25 27.79 11.22
CA THR B 256 -15.22 26.78 10.17
C THR B 256 -16.59 26.11 9.98
N VAL B 257 -17.25 25.75 11.08
CA VAL B 257 -18.55 25.06 11.02
C VAL B 257 -19.63 25.87 10.30
N VAL B 258 -19.62 27.19 10.50
CA VAL B 258 -20.53 28.09 9.78
C VAL B 258 -20.25 28.04 8.28
N TYR B 259 -18.98 28.24 7.90
CA TYR B 259 -18.55 28.24 6.51
C TYR B 259 -18.87 26.93 5.79
N GLN B 260 -18.50 25.80 6.40
CA GLN B 260 -18.65 24.49 5.74
C GLN B 260 -20.11 24.06 5.53
N GLN B 261 -21.01 24.65 6.32
CA GLN B 261 -22.45 24.46 6.13
C GLN B 261 -22.94 25.15 4.84
N GLN B 262 -22.53 26.41 4.66
CA GLN B 262 -22.81 27.16 3.42
C GLN B 262 -22.30 26.44 2.18
N ALA B 263 -21.14 25.82 2.30
CA ALA B 263 -20.51 25.13 1.17
C ALA B 263 -21.37 23.98 0.66
N ALA B 264 -21.68 23.03 1.53
CA ALA B 264 -22.52 21.88 1.18
C ALA B 264 -23.87 22.30 0.54
N ASP B 265 -24.42 23.41 1.02
CA ASP B 265 -25.71 23.92 0.57
C ASP B 265 -25.67 24.72 -0.74
N THR B 266 -24.49 24.87 -1.35
CA THR B 266 -24.35 25.73 -2.54
C THR B 266 -23.44 25.17 -3.65
N GLU B 267 -22.50 24.30 -3.28
CA GLU B 267 -21.44 23.84 -4.19
C GLU B 267 -21.92 22.93 -5.32
N LEU B 268 -22.94 22.12 -5.06
CA LEU B 268 -23.51 21.24 -6.08
C LEU B 268 -24.07 22.01 -7.28
N ALA B 269 -24.66 23.18 -7.01
CA ALA B 269 -25.18 24.06 -8.06
C ALA B 269 -24.09 24.54 -9.01
N LYS B 270 -22.86 24.60 -8.51
CA LYS B 270 -21.70 25.01 -9.30
C LYS B 270 -21.16 23.88 -10.19
N ILE B 271 -21.22 22.65 -9.69
CA ILE B 271 -20.84 21.45 -10.47
C ILE B 271 -21.75 21.33 -11.68
N MET B 272 -23.06 21.47 -11.46
CA MET B 272 -24.05 21.41 -12.53
C MET B 272 -23.92 22.57 -13.49
N GLU B 273 -23.39 23.69 -13.01
CA GLU B 273 -23.20 24.86 -13.86
C GLU B 273 -22.03 24.65 -14.81
N ALA B 274 -20.94 24.09 -14.29
CA ALA B 274 -19.73 23.83 -15.09
C ALA B 274 -19.88 22.58 -15.97
N LYS B 275 -20.66 21.61 -15.50
CA LYS B 275 -20.93 20.39 -16.26
C LYS B 275 -22.40 20.01 -16.16
N PRO B 276 -23.24 20.55 -17.07
CA PRO B 276 -24.70 20.32 -17.01
C PRO B 276 -25.13 18.88 -17.28
N GLU B 277 -24.29 18.11 -17.97
CA GLU B 277 -24.62 16.73 -18.33
C GLU B 277 -24.53 15.79 -17.13
N MET B 278 -23.81 16.22 -16.09
CA MET B 278 -23.58 15.40 -14.91
C MET B 278 -24.88 14.81 -14.37
N GLN B 279 -24.82 13.55 -13.99
CA GLN B 279 -25.99 12.83 -13.50
C GLN B 279 -25.92 12.71 -11.98
N VAL B 280 -26.78 13.46 -11.31
CA VAL B 280 -26.73 13.57 -9.85
C VAL B 280 -27.94 12.91 -9.21
N THR B 281 -27.72 11.80 -8.50
CA THR B 281 -28.80 11.10 -7.81
C THR B 281 -28.64 11.19 -6.29
N VAL B 282 -29.69 11.64 -5.60
CA VAL B 282 -29.75 11.50 -4.16
C VAL B 282 -30.80 10.44 -3.79
N LEU B 283 -30.31 9.33 -3.24
CA LEU B 283 -31.12 8.13 -3.03
C LEU B 283 -32.16 8.32 -1.92
N THR B 284 -33.37 7.81 -2.17
CA THR B 284 -34.44 7.77 -1.18
C THR B 284 -34.11 6.74 -0.10
N ASP B 285 -34.79 6.84 1.04
CA ASP B 285 -34.62 5.86 2.14
C ASP B 285 -34.89 4.42 1.67
N GLU B 286 -35.85 4.27 0.76
CA GLU B 286 -36.12 3.01 0.09
C GLU B 286 -34.86 2.47 -0.62
N GLN B 287 -34.18 3.35 -1.35
CA GLN B 287 -32.98 2.96 -2.10
C GLN B 287 -31.75 2.79 -1.21
N ARG B 288 -31.79 3.40 -0.02
CA ARG B 288 -30.66 3.36 0.91
C ARG B 288 -30.63 2.12 1.79
N SER B 289 -31.72 1.34 1.74
CA SER B 289 -31.90 0.16 2.59
C SER B 289 -30.72 -0.83 2.61
N CYS B 290 -30.20 -1.19 1.43
CA CYS B 290 -29.09 -2.14 1.35
C CYS B 290 -27.80 -1.57 1.96
N PHE B 291 -27.65 -0.26 1.90
CA PHE B 291 -26.49 0.42 2.47
C PHE B 291 -26.51 0.45 4.00
N LYS B 292 -27.69 0.66 4.57
CA LYS B 292 -27.88 0.67 6.02
C LYS B 292 -27.83 -0.75 6.61
N GLU B 293 -28.12 -1.76 5.79
CA GLU B 293 -27.97 -3.16 6.19
C GLU B 293 -26.49 -3.51 6.37
N ALA B 294 -25.65 -2.99 5.49
CA ALA B 294 -24.21 -3.18 5.58
C ALA B 294 -23.58 -2.42 6.76
N ALA B 295 -24.28 -1.38 7.23
CA ALA B 295 -23.81 -0.54 8.32
C ALA B 295 -23.68 -1.27 9.66
N ALA B 296 -24.56 -2.25 9.87
CA ALA B 296 -24.58 -3.00 11.12
C ALA B 296 -23.43 -4.02 11.20
N GLU B 297 -23.11 -4.65 10.07
CA GLU B 297 -22.04 -5.65 10.01
C GLU B 297 -20.65 -5.01 10.00
N VAL B 298 -20.57 -3.78 9.50
CA VAL B 298 -19.34 -3.00 9.55
C VAL B 298 -19.07 -2.61 11.00
N GLU B 299 -20.13 -2.25 11.72
CA GLU B 299 -20.04 -1.93 13.15
C GLU B 299 -19.55 -3.13 13.96
N ALA B 300 -20.07 -4.31 13.63
CA ALA B 300 -19.64 -5.57 14.25
C ALA B 300 -18.16 -5.85 13.98
N LYS B 301 -17.70 -5.52 12.78
CA LYS B 301 -16.29 -5.66 12.40
C LYS B 301 -15.38 -4.75 13.21
N PHE B 302 -15.86 -3.53 13.49
CA PHE B 302 -15.09 -2.54 14.25
C PHE B 302 -14.82 -2.99 15.68
N ILE B 303 -15.80 -3.66 16.28
CA ILE B 303 -15.67 -4.22 17.63
C ILE B 303 -14.58 -5.29 17.70
N GLU B 304 -14.54 -6.13 16.66
CA GLU B 304 -13.55 -7.21 16.55
C GLU B 304 -12.11 -6.70 16.43
N MET B 305 -11.93 -5.62 15.67
CA MET B 305 -10.60 -5.11 15.37
C MET B 305 -9.95 -4.36 16.52
N THR B 306 -10.70 -3.46 17.16
CA THR B 306 -10.15 -2.53 18.15
C THR B 306 -10.27 -3.02 19.60
N GLY B 307 -10.93 -4.16 19.79
CA GLY B 307 -11.11 -4.76 21.12
C GLY B 307 -12.02 -3.95 22.02
N ASP B 308 -11.91 -4.20 23.33
CA ASP B 308 -12.74 -3.51 24.33
C ASP B 308 -12.31 -2.06 24.59
N SER B 309 -11.12 -1.70 24.11
CA SER B 309 -10.62 -0.33 24.17
C SER B 309 -11.49 0.62 23.34
N GLY B 310 -11.67 0.30 22.06
CA GLY B 310 -12.49 1.10 21.16
C GLY B 310 -13.99 0.89 21.32
N ALA B 311 -14.36 -0.13 22.09
CA ALA B 311 -15.78 -0.41 22.36
C ALA B 311 -16.40 0.66 23.26
N ALA B 312 -15.63 1.12 24.24
CA ALA B 312 -16.05 2.19 25.16
C ALA B 312 -16.15 3.52 24.44
N ILE B 313 -15.39 3.68 23.37
CA ILE B 313 -15.45 4.86 22.52
C ILE B 313 -16.77 4.91 21.74
N LEU B 314 -17.18 3.78 21.18
CA LEU B 314 -18.44 3.72 20.43
C LEU B 314 -19.65 4.01 21.32
N LYS B 315 -19.66 3.45 22.52
CA LYS B 315 -20.76 3.67 23.46
C LYS B 315 -20.89 5.15 23.81
N GLN B 316 -19.79 5.77 24.20
CA GLN B 316 -19.77 7.18 24.58
C GLN B 316 -20.14 8.08 23.41
N MET B 317 -19.67 7.74 22.22
CA MET B 317 -20.00 8.50 21.02
C MET B 317 -21.51 8.52 20.77
N LYS B 318 -22.17 7.41 21.08
CA LYS B 318 -23.62 7.28 20.93
C LYS B 318 -24.35 8.08 21.98
N ALA B 319 -23.81 8.11 23.21
CA ALA B 319 -24.37 8.90 24.31
C ALA B 319 -24.19 10.40 24.10
N ASP B 320 -23.08 10.78 23.44
CA ASP B 320 -22.80 12.17 23.10
C ASP B 320 -23.76 12.68 22.02
N LEU B 321 -24.03 11.83 21.04
CA LEU B 321 -25.01 12.13 19.99
C LEU B 321 -26.42 12.34 20.55
N ALA B 322 -26.81 11.50 21.50
CA ALA B 322 -28.12 11.56 22.13
C ALA B 322 -28.30 12.82 22.99
N ALA B 323 -27.26 13.19 23.73
CA ALA B 323 -27.31 14.32 24.65
C ALA B 323 -27.19 15.66 23.91
N THR B 324 -27.07 15.61 22.59
CA THR B 324 -26.83 16.81 21.79
C THR B 324 -27.75 16.92 20.58
O 4CS C . 4.94 -15.56 -9.64
C 4CS C . 5.77 -16.34 -10.08
OXT 4CS C . 6.02 -16.25 -11.28
CA 4CS C . 6.45 -17.39 -9.19
CB 4CS C . 6.66 -16.86 -7.79
CAD 4CS C . 7.22 -17.99 -6.94
NAG 4CS C . 8.53 -18.31 -7.55
CAI 4CS C . 8.78 -18.14 -8.96
CAA 4CS C . 10.13 -18.45 -9.61
N 4CS C . 7.75 -17.70 -9.77
O 4CS D . -7.96 11.77 0.38
C 4CS D . -8.95 12.50 0.57
OXT 4CS D . -10.10 12.00 0.51
CA 4CS D . -8.80 14.01 0.80
CB 4CS D . -7.93 14.28 1.99
CAD 4CS D . -8.02 15.76 2.39
NAG 4CS D . -9.43 16.26 2.52
CAI 4CS D . -10.46 15.65 1.81
CAA 4CS D . -11.88 16.14 1.89
N 4CS D . -10.17 14.58 1.00
#